data_2AYE
#
_entry.id   2AYE
#
_cell.length_a   97.766
_cell.length_b   106.886
_cell.length_c   74.945
_cell.angle_alpha   90.00
_cell.angle_beta   121.68
_cell.angle_gamma   90.00
#
_symmetry.space_group_name_H-M   'C 1 2 1'
#
loop_
_entity.id
_entity.type
_entity.pdbx_description
1 polymer 'Regulatory protein E2'
2 non-polymer 'SULFATE ION'
3 non-polymer GLYCEROL
4 water water
#
_entity_poly.entity_id   1
_entity_poly.type   'polypeptide(L)'
_entity_poly.pdbx_seq_one_letter_code
;SSATPIVQFQGESNCLKCFRYRLNDKHRHLFDLISSTWHWASPKAPHKHAIVTVTYHSEEQRQQFLNVVKIPPTIRHKLG
FMSMHLL
;
_entity_poly.pdbx_strand_id   A,B,C,D,E,F
#
# COMPACT_ATOMS: atom_id res chain seq x y z
N SER A 2 4.45 4.37 3.81
CA SER A 2 5.07 3.07 3.38
C SER A 2 4.72 2.80 1.90
N ALA A 3 4.94 3.86 1.12
CA ALA A 3 5.00 3.71 -0.31
C ALA A 3 6.47 3.89 -0.72
N THR A 4 6.95 3.10 -1.66
CA THR A 4 8.31 3.25 -2.16
C THR A 4 8.28 4.15 -3.45
N PRO A 5 9.15 5.17 -3.54
CA PRO A 5 9.32 5.95 -4.79
C PRO A 5 9.88 5.14 -5.91
N ILE A 6 9.28 5.28 -7.10
CA ILE A 6 9.75 4.54 -8.25
C ILE A 6 9.81 5.45 -9.45
N VAL A 7 10.65 5.06 -10.42
CA VAL A 7 10.63 5.59 -11.75
C VAL A 7 10.51 4.36 -12.71
N GLN A 8 9.56 4.49 -13.64
CA GLN A 8 9.44 3.61 -14.78
C GLN A 8 10.04 4.18 -16.00
N PHE A 9 10.87 3.40 -16.68
CA PHE A 9 11.48 3.83 -17.92
C PHE A 9 10.92 3.00 -19.04
N GLN A 10 10.55 3.66 -20.14
CA GLN A 10 9.96 2.94 -21.30
C GLN A 10 10.64 3.23 -22.62
N GLY A 11 10.74 2.21 -23.46
CA GLY A 11 11.42 2.37 -24.74
C GLY A 11 11.70 1.06 -25.40
N GLU A 12 12.43 1.11 -26.49
CA GLU A 12 12.87 -0.05 -27.22
C GLU A 12 13.81 -0.84 -26.28
N SER A 13 13.62 -2.15 -26.15
CA SER A 13 14.27 -2.94 -25.10
C SER A 13 15.79 -2.86 -25.02
N ASN A 14 16.45 -2.88 -26.18
CA ASN A 14 17.92 -2.80 -26.29
C ASN A 14 18.43 -1.49 -25.75
N CYS A 15 17.86 -0.37 -26.19
CA CYS A 15 18.15 0.94 -25.57
C CYS A 15 17.85 0.97 -24.09
N LEU A 16 16.73 0.36 -23.66
CA LEU A 16 16.43 0.25 -22.25
C LEU A 16 17.42 -0.60 -21.47
N LYS A 17 17.78 -1.76 -22.00
CA LYS A 17 18.85 -2.55 -21.35
C LYS A 17 20.20 -1.86 -21.38
N CYS A 18 20.47 -1.09 -22.42
CA CYS A 18 21.74 -0.32 -22.46
C CYS A 18 21.75 0.76 -21.36
N PHE A 19 20.60 1.47 -21.20
CA PHE A 19 20.39 2.43 -20.14
C PHE A 19 20.49 1.76 -18.75
N ARG A 20 19.84 0.61 -18.53
CA ARG A 20 20.03 -0.20 -17.29
C ARG A 20 21.51 -0.47 -16.98
N TYR A 21 22.23 -0.95 -18.00
CA TYR A 21 23.63 -1.20 -17.89
C TYR A 21 24.42 0.04 -17.38
N ARG A 22 24.19 1.20 -17.99
CA ARG A 22 24.82 2.48 -17.63
C ARG A 22 24.57 2.90 -16.18
N LEU A 23 23.35 2.69 -15.71
CA LEU A 23 22.96 2.95 -14.34
C LEU A 23 23.71 2.08 -13.34
N ASN A 24 23.85 0.80 -13.68
CA ASN A 24 24.59 -0.15 -12.85
C ASN A 24 26.09 0.09 -12.86
N ASP A 25 26.57 0.79 -13.87
CA ASP A 25 28.01 1.02 -14.02
C ASP A 25 28.39 2.39 -13.46
N LYS A 26 27.53 3.38 -13.57
CA LYS A 26 27.98 4.70 -13.15
C LYS A 26 27.16 5.29 -11.98
N HIS A 27 25.92 4.86 -11.81
CA HIS A 27 24.94 5.60 -10.98
C HIS A 27 24.31 4.66 -9.97
N ARG A 28 25.05 3.62 -9.59
CA ARG A 28 24.49 2.57 -8.76
C ARG A 28 24.09 2.95 -7.34
N HIS A 29 24.87 3.89 -6.78
CA HIS A 29 24.59 4.50 -5.51
C HIS A 29 23.32 5.36 -5.53
N LEU A 30 22.80 5.69 -6.72
CA LEU A 30 21.67 6.62 -6.90
C LEU A 30 20.26 5.93 -7.03
N PHE A 31 20.21 4.62 -6.93
CA PHE A 31 18.92 3.88 -6.88
C PHE A 31 19.06 2.67 -5.93
N ASP A 32 17.91 2.04 -5.63
CA ASP A 32 17.92 0.80 -4.86
C ASP A 32 17.80 -0.41 -5.87
N LEU A 33 16.59 -0.81 -6.29
CA LEU A 33 16.45 -2.02 -7.16
C LEU A 33 16.16 -1.60 -8.59
N ILE A 34 16.50 -2.44 -9.57
CA ILE A 34 16.18 -2.20 -10.92
C ILE A 34 15.72 -3.55 -11.52
N SER A 35 14.64 -3.50 -12.33
CA SER A 35 14.03 -4.72 -12.81
C SER A 35 14.65 -5.19 -14.12
N SER A 36 14.42 -6.48 -14.47
CA SER A 36 14.47 -6.95 -15.84
C SER A 36 13.49 -6.11 -16.70
N THR A 37 13.59 -6.19 -18.02
CA THR A 37 12.62 -5.56 -18.90
C THR A 37 11.32 -6.36 -18.94
N TRP A 38 10.21 -5.64 -19.08
CA TRP A 38 8.90 -6.21 -18.98
C TRP A 38 7.96 -5.35 -19.84
N HIS A 39 6.74 -5.83 -20.05
CA HIS A 39 5.73 -5.11 -20.82
C HIS A 39 4.35 -5.57 -20.31
N TRP A 40 3.33 -4.79 -20.58
CA TRP A 40 1.94 -5.14 -20.38
C TRP A 40 1.50 -6.00 -21.54
N ALA A 41 0.89 -7.14 -21.22
CA ALA A 41 0.61 -8.21 -22.16
C ALA A 41 -0.33 -7.86 -23.26
N SER A 42 -0.06 -8.48 -24.40
CA SER A 42 -1.09 -9.03 -25.26
C SER A 42 -2.11 -8.07 -25.89
N PRO A 43 -3.42 -8.31 -25.66
CA PRO A 43 -4.35 -7.57 -26.53
C PRO A 43 -4.74 -6.22 -25.92
N LYS A 44 -4.38 -6.01 -24.65
CA LYS A 44 -4.90 -4.90 -23.85
C LYS A 44 -3.90 -3.78 -23.59
N ALA A 45 -2.62 -4.08 -23.78
CA ALA A 45 -1.56 -3.10 -23.46
C ALA A 45 -1.95 -1.68 -23.80
N PRO A 46 -1.61 -0.71 -22.91
CA PRO A 46 -1.65 0.66 -23.36
C PRO A 46 -0.46 0.97 -24.29
N HIS A 47 0.62 0.19 -24.19
CA HIS A 47 1.77 0.25 -25.12
C HIS A 47 2.48 -1.08 -25.35
N LYS A 48 3.14 -1.18 -26.51
CA LYS A 48 3.92 -2.37 -26.87
C LYS A 48 5.44 -2.13 -26.75
N HIS A 49 5.80 -1.24 -25.85
CA HIS A 49 7.22 -0.96 -25.54
C HIS A 49 7.67 -1.61 -24.23
N ALA A 50 8.93 -2.04 -24.19
CA ALA A 50 9.58 -2.59 -22.98
C ALA A 50 9.63 -1.58 -21.82
N ILE A 51 9.64 -2.08 -20.58
CA ILE A 51 9.59 -1.22 -19.39
C ILE A 51 10.63 -1.75 -18.43
N VAL A 52 11.33 -0.82 -17.76
CA VAL A 52 12.22 -1.06 -16.61
C VAL A 52 11.72 -0.23 -15.41
N THR A 53 11.53 -0.90 -14.28
CA THR A 53 11.24 -0.28 -13.00
C THR A 53 12.50 -0.10 -12.15
N VAL A 54 12.69 1.14 -11.70
CA VAL A 54 13.75 1.55 -10.77
C VAL A 54 13.06 2.03 -9.46
N THR A 55 13.53 1.54 -8.29
CA THR A 55 13.00 1.91 -6.99
C THR A 55 14.13 2.66 -6.20
N TYR A 56 13.72 3.41 -5.18
CA TYR A 56 14.66 4.28 -4.40
C TYR A 56 14.43 4.07 -2.89
N HIS A 57 15.44 4.28 -2.08
CA HIS A 57 15.27 4.30 -0.64
C HIS A 57 14.55 5.54 -0.06
N SER A 58 14.41 6.61 -0.87
CA SER A 58 13.79 7.83 -0.39
C SER A 58 13.50 8.74 -1.53
N GLU A 59 12.78 9.83 -1.25
CA GLU A 59 12.50 10.81 -2.24
C GLU A 59 13.74 11.59 -2.54
N GLU A 60 14.55 11.88 -1.52
CA GLU A 60 15.86 12.53 -1.74
C GLU A 60 16.76 11.81 -2.74
N GLN A 61 16.90 10.51 -2.60
CA GLN A 61 17.65 9.71 -3.60
C GLN A 61 17.04 9.82 -5.03
N ARG A 62 15.71 9.70 -5.11
CA ARG A 62 15.02 9.79 -6.38
C ARG A 62 15.31 11.10 -7.07
N GLN A 63 15.21 12.21 -6.32
CA GLN A 63 15.49 13.50 -6.87
C GLN A 63 16.94 13.71 -7.27
N GLN A 64 17.86 13.20 -6.47
CA GLN A 64 19.27 13.23 -6.84
C GLN A 64 19.61 12.37 -8.11
N PHE A 65 19.05 11.17 -8.23
CA PHE A 65 19.07 10.44 -9.49
C PHE A 65 18.58 11.31 -10.70
N LEU A 66 17.48 12.04 -10.54
CA LEU A 66 16.87 12.83 -11.63
C LEU A 66 17.70 14.06 -11.97
N ASN A 67 18.38 14.58 -10.97
CA ASN A 67 19.27 15.69 -11.16
C ASN A 67 20.51 15.20 -11.88
N VAL A 68 21.16 14.15 -11.38
CA VAL A 68 22.47 13.75 -11.90
C VAL A 68 22.40 12.95 -13.26
N VAL A 69 21.42 12.08 -13.45
CA VAL A 69 21.43 11.21 -14.60
C VAL A 69 20.88 11.89 -15.88
N LYS A 70 21.58 11.78 -17.01
CA LYS A 70 20.98 12.15 -18.32
C LYS A 70 20.15 10.99 -18.76
N ILE A 71 18.85 11.22 -18.93
CA ILE A 71 17.93 10.24 -19.50
C ILE A 71 17.93 10.41 -21.05
N PRO A 72 18.26 9.31 -21.79
CA PRO A 72 18.26 9.30 -23.26
C PRO A 72 16.94 9.78 -23.81
N PRO A 73 16.99 10.69 -24.80
CA PRO A 73 15.77 11.20 -25.40
C PRO A 73 14.92 10.12 -26.08
N THR A 74 15.50 8.96 -26.40
CA THR A 74 14.72 7.80 -26.80
C THR A 74 13.98 7.09 -25.65
N ILE A 75 14.27 7.48 -24.41
CA ILE A 75 13.66 6.78 -23.28
C ILE A 75 12.75 7.76 -22.59
N ARG A 76 11.55 7.30 -22.30
CA ARG A 76 10.62 8.08 -21.55
C ARG A 76 10.50 7.59 -20.12
N HIS A 77 10.11 8.47 -19.22
CA HIS A 77 10.08 8.10 -17.82
C HIS A 77 8.88 8.65 -17.07
N LYS A 78 8.40 7.91 -16.06
CA LYS A 78 7.27 8.33 -15.25
C LYS A 78 7.53 8.05 -13.79
N LEU A 79 7.23 9.02 -12.92
CA LEU A 79 7.42 8.83 -11.51
C LEU A 79 6.15 8.27 -10.87
N GLY A 80 6.30 7.35 -9.93
CA GLY A 80 5.18 7.00 -9.06
C GLY A 80 5.66 6.35 -7.79
N PHE A 81 4.80 5.51 -7.20
CA PHE A 81 5.04 4.75 -5.95
C PHE A 81 4.45 3.35 -6.12
N MET A 82 5.00 2.39 -5.39
CA MET A 82 4.35 1.11 -5.26
C MET A 82 4.38 0.80 -3.76
N SER A 83 3.52 -0.08 -3.26
CA SER A 83 3.55 -0.42 -1.84
C SER A 83 4.91 -1.02 -1.53
N MET A 84 5.44 -0.60 -0.38
CA MET A 84 6.75 -1.04 0.03
C MET A 84 6.81 -2.56 0.29
N HIS A 85 5.78 -3.11 0.88
CA HIS A 85 5.73 -4.54 1.14
C HIS A 85 5.69 -5.48 -0.10
N LEU A 86 5.49 -4.92 -1.30
CA LEU A 86 5.63 -5.69 -2.55
C LEU A 86 7.08 -6.04 -2.82
N LEU A 87 8.00 -5.29 -2.19
CA LEU A 87 9.41 -5.51 -2.46
C LEU A 87 9.98 -6.73 -1.71
N SER B 1 -7.67 6.00 -5.24
CA SER B 1 -7.74 7.44 -5.72
C SER B 1 -6.92 7.70 -7.00
N SER B 2 -5.62 7.86 -6.84
CA SER B 2 -4.71 7.83 -7.99
C SER B 2 -3.85 6.60 -7.78
N ALA B 3 -4.38 5.68 -6.95
CA ALA B 3 -3.69 4.43 -6.65
C ALA B 3 -4.46 3.26 -7.23
N THR B 4 -3.77 2.52 -8.10
CA THR B 4 -4.31 1.34 -8.75
C THR B 4 -4.09 0.14 -7.84
N PRO B 5 -5.15 -0.61 -7.55
CA PRO B 5 -5.05 -1.89 -6.82
C PRO B 5 -4.39 -2.98 -7.66
N ILE B 6 -3.48 -3.75 -7.04
CA ILE B 6 -2.75 -4.73 -7.76
C ILE B 6 -2.59 -6.02 -6.96
N VAL B 7 -2.22 -7.06 -7.67
CA VAL B 7 -1.80 -8.30 -7.10
C VAL B 7 -0.54 -8.65 -7.88
N GLN B 8 0.49 -8.96 -7.11
CA GLN B 8 1.78 -9.35 -7.58
C GLN B 8 1.91 -10.85 -7.30
N PHE B 9 2.13 -11.65 -8.34
CA PHE B 9 2.28 -13.10 -8.18
C PHE B 9 3.75 -13.48 -8.27
N GLN B 10 4.19 -14.50 -7.54
CA GLN B 10 5.56 -14.93 -7.53
C GLN B 10 5.70 -16.42 -7.59
N GLY B 11 6.77 -16.89 -8.22
CA GLY B 11 7.09 -18.32 -8.29
C GLY B 11 8.09 -18.61 -9.38
N GLU B 12 8.39 -19.89 -9.58
CA GLU B 12 9.18 -20.38 -10.72
C GLU B 12 8.60 -19.78 -12.02
N SER B 13 9.45 -19.28 -12.91
CA SER B 13 8.88 -18.50 -14.03
C SER B 13 8.02 -19.26 -15.08
N ASN B 14 8.27 -20.56 -15.27
CA ASN B 14 7.39 -21.38 -16.12
C ASN B 14 5.99 -21.56 -15.53
N CYS B 15 5.91 -21.83 -14.24
CA CYS B 15 4.63 -21.77 -13.52
C CYS B 15 3.88 -20.44 -13.76
N LEU B 16 4.61 -19.32 -13.69
CA LEU B 16 4.02 -18.00 -13.78
C LEU B 16 3.50 -17.70 -15.14
N LYS B 17 4.28 -18.09 -16.17
CA LYS B 17 3.81 -17.93 -17.55
C LYS B 17 2.64 -18.88 -17.85
N CYS B 18 2.69 -20.08 -17.31
CA CYS B 18 1.55 -21.00 -17.50
C CYS B 18 0.28 -20.37 -16.89
N PHE B 19 0.40 -19.80 -15.70
CA PHE B 19 -0.71 -19.16 -14.98
C PHE B 19 -1.21 -17.92 -15.72
N ARG B 20 -0.26 -17.10 -16.15
CA ARG B 20 -0.54 -15.96 -17.00
C ARG B 20 -1.32 -16.28 -18.28
N TYR B 21 -1.00 -17.38 -18.97
CA TYR B 21 -1.73 -17.77 -20.14
C TYR B 21 -3.13 -18.19 -19.75
N ARG B 22 -3.27 -18.85 -18.59
CA ARG B 22 -4.60 -19.19 -18.09
C ARG B 22 -5.44 -17.90 -17.79
N LEU B 23 -4.87 -16.93 -17.07
CA LEU B 23 -5.58 -15.64 -16.80
C LEU B 23 -6.07 -14.96 -18.07
N ASN B 24 -5.20 -14.85 -19.07
CA ASN B 24 -5.57 -14.27 -20.35
C ASN B 24 -6.58 -15.03 -21.12
N ASP B 25 -6.58 -16.34 -20.95
CA ASP B 25 -7.45 -17.19 -21.68
C ASP B 25 -8.84 -17.29 -21.04
N LYS B 26 -8.90 -17.47 -19.72
CA LYS B 26 -10.21 -17.71 -19.08
C LYS B 26 -10.72 -16.51 -18.23
N HIS B 27 -9.81 -15.66 -17.74
CA HIS B 27 -10.19 -14.67 -16.71
C HIS B 27 -9.98 -13.21 -17.07
N ARG B 28 -9.96 -12.95 -18.36
CA ARG B 28 -9.55 -11.62 -18.88
C ARG B 28 -10.44 -10.42 -18.42
N HIS B 29 -11.72 -10.71 -18.31
CA HIS B 29 -12.75 -9.80 -17.93
C HIS B 29 -12.71 -9.55 -16.41
N LEU B 30 -11.84 -10.26 -15.67
CA LEU B 30 -11.73 -10.13 -14.21
C LEU B 30 -10.60 -9.22 -13.73
N PHE B 31 -9.83 -8.68 -14.65
CA PHE B 31 -8.70 -7.78 -14.30
C PHE B 31 -8.58 -6.75 -15.42
N ASP B 32 -7.77 -5.74 -15.20
CA ASP B 32 -7.41 -4.76 -16.22
C ASP B 32 -6.17 -5.14 -17.06
N LEU B 33 -4.98 -4.98 -16.51
CA LEU B 33 -3.71 -5.27 -17.20
C LEU B 33 -2.99 -6.37 -16.49
N ILE B 34 -2.14 -7.04 -17.24
CA ILE B 34 -1.26 -8.06 -16.74
C ILE B 34 0.13 -7.92 -17.42
N SER B 35 1.18 -7.91 -16.61
CA SER B 35 2.55 -7.86 -17.11
C SER B 35 3.01 -9.23 -17.64
N SER B 36 4.10 -9.19 -18.42
CA SER B 36 4.95 -10.35 -18.69
C SER B 36 5.70 -10.63 -17.37
N THR B 37 6.39 -11.78 -17.27
CA THR B 37 7.16 -12.12 -16.07
C THR B 37 8.44 -11.27 -16.04
N TRP B 38 8.83 -10.86 -14.81
CA TRP B 38 9.95 -9.98 -14.63
C TRP B 38 10.51 -10.32 -13.27
N HIS B 39 11.67 -9.79 -12.93
CA HIS B 39 12.26 -10.00 -11.63
C HIS B 39 13.11 -8.77 -11.32
N TRP B 40 13.55 -8.60 -10.06
CA TRP B 40 14.58 -7.61 -9.66
C TRP B 40 15.98 -8.09 -10.00
N ALA B 41 16.68 -7.31 -10.82
CA ALA B 41 17.90 -7.73 -11.54
C ALA B 41 19.09 -7.27 -10.73
N SER B 42 20.09 -6.68 -11.39
CA SER B 42 21.28 -6.08 -10.77
C SER B 42 21.88 -6.86 -9.58
N PRO B 43 23.18 -7.15 -9.61
CA PRO B 43 23.47 -7.49 -8.22
C PRO B 43 22.76 -6.40 -7.38
N LYS B 44 21.57 -6.74 -6.84
CA LYS B 44 20.84 -5.90 -5.84
C LYS B 44 19.60 -6.54 -5.21
N ALA B 45 18.77 -7.19 -6.02
CA ALA B 45 17.42 -7.69 -5.62
C ALA B 45 17.18 -8.01 -4.13
N PRO B 46 15.89 -8.18 -3.75
CA PRO B 46 15.46 -8.86 -2.54
C PRO B 46 15.21 -10.37 -2.77
N HIS B 47 14.14 -10.72 -3.48
CA HIS B 47 13.80 -12.13 -3.66
C HIS B 47 14.69 -12.88 -4.67
N LYS B 48 14.29 -14.10 -5.02
CA LYS B 48 15.05 -14.96 -5.94
C LYS B 48 14.27 -15.28 -7.22
N HIS B 49 12.96 -15.07 -7.18
CA HIS B 49 12.07 -15.59 -8.23
C HIS B 49 11.40 -14.53 -9.11
N ALA B 50 10.77 -14.99 -10.20
CA ALA B 50 10.06 -14.14 -11.16
C ALA B 50 8.71 -13.69 -10.65
N ILE B 51 8.17 -12.65 -11.31
CA ILE B 51 6.99 -11.94 -10.84
C ILE B 51 6.10 -11.60 -12.00
N VAL B 52 4.79 -11.62 -11.76
CA VAL B 52 3.79 -11.16 -12.69
C VAL B 52 2.91 -10.20 -11.98
N THR B 53 2.79 -9.00 -12.52
CA THR B 53 1.83 -8.05 -11.92
C THR B 53 0.50 -7.87 -12.61
N VAL B 54 -0.58 -7.97 -11.82
CA VAL B 54 -1.95 -7.84 -12.28
C VAL B 54 -2.62 -6.56 -11.69
N THR B 55 -3.16 -5.71 -12.56
CA THR B 55 -3.82 -4.49 -12.18
C THR B 55 -5.36 -4.62 -12.33
N TYR B 56 -6.06 -3.78 -11.58
CA TYR B 56 -7.54 -3.86 -11.45
C TYR B 56 -8.12 -2.49 -11.55
N HIS B 57 -9.38 -2.41 -11.92
CA HIS B 57 -10.11 -1.11 -11.98
C HIS B 57 -10.56 -0.67 -10.57
N SER B 58 -10.64 -1.62 -9.63
CA SER B 58 -11.07 -1.25 -8.28
C SER B 58 -10.69 -2.39 -7.36
N GLU B 59 -10.77 -2.13 -6.08
CA GLU B 59 -10.64 -3.13 -5.06
C GLU B 59 -11.72 -4.18 -5.06
N GLU B 60 -12.95 -3.80 -5.36
CA GLU B 60 -14.04 -4.79 -5.56
C GLU B 60 -13.77 -5.70 -6.74
N GLN B 61 -13.23 -5.16 -7.84
CA GLN B 61 -12.83 -6.04 -8.96
C GLN B 61 -11.75 -7.05 -8.55
N ARG B 62 -10.75 -6.61 -7.82
CA ARG B 62 -9.69 -7.48 -7.31
C ARG B 62 -10.21 -8.56 -6.36
N GLN B 63 -11.12 -8.17 -5.47
CA GLN B 63 -11.87 -9.05 -4.56
CA GLN B 63 -11.70 -9.18 -4.57
C GLN B 63 -12.54 -10.21 -5.31
N GLN B 64 -13.32 -9.85 -6.34
CA GLN B 64 -13.97 -10.88 -7.16
C GLN B 64 -12.95 -11.80 -7.92
N PHE B 65 -11.92 -11.24 -8.58
CA PHE B 65 -10.82 -12.06 -9.15
C PHE B 65 -10.30 -13.11 -8.11
N LEU B 66 -10.09 -12.69 -6.86
CA LEU B 66 -9.50 -13.53 -5.85
C LEU B 66 -10.45 -14.62 -5.34
N ASN B 67 -11.78 -14.37 -5.34
CA ASN B 67 -12.71 -15.44 -5.03
C ASN B 67 -12.93 -16.36 -6.19
N VAL B 68 -12.63 -15.93 -7.40
CA VAL B 68 -12.93 -16.76 -8.60
C VAL B 68 -11.76 -17.59 -9.05
N VAL B 69 -10.58 -16.98 -9.10
CA VAL B 69 -9.44 -17.63 -9.71
C VAL B 69 -8.79 -18.60 -8.71
N LYS B 70 -8.48 -19.80 -9.17
CA LYS B 70 -7.73 -20.75 -8.34
C LYS B 70 -6.23 -20.51 -8.57
N ILE B 71 -5.48 -20.12 -7.52
CA ILE B 71 -4.06 -19.82 -7.65
C ILE B 71 -3.28 -21.18 -7.51
N PRO B 72 -2.52 -21.58 -8.54
CA PRO B 72 -1.77 -22.82 -8.60
C PRO B 72 -0.90 -22.96 -7.37
N PRO B 73 -0.68 -24.24 -6.91
CA PRO B 73 0.09 -24.56 -5.69
C PRO B 73 1.49 -23.90 -5.72
N THR B 74 1.97 -23.60 -6.91
CA THR B 74 3.34 -23.22 -7.13
C THR B 74 3.52 -21.73 -7.12
N ILE B 75 2.47 -20.99 -6.77
CA ILE B 75 2.47 -19.57 -6.92
C ILE B 75 2.05 -18.91 -5.62
N ARG B 76 2.82 -17.90 -5.17
CA ARG B 76 2.47 -17.05 -4.04
C ARG B 76 1.97 -15.66 -4.52
N HIS B 77 1.22 -14.92 -3.70
CA HIS B 77 0.71 -13.61 -4.09
C HIS B 77 0.72 -12.60 -2.94
N LYS B 78 0.86 -11.32 -3.30
CA LYS B 78 0.69 -10.18 -2.38
C LYS B 78 -0.23 -9.14 -3.04
N LEU B 79 -1.09 -8.50 -2.26
CA LEU B 79 -1.90 -7.35 -2.68
C LEU B 79 -1.20 -6.03 -2.36
N GLY B 80 -1.41 -5.05 -3.23
CA GLY B 80 -0.70 -3.80 -3.08
C GLY B 80 -1.34 -2.77 -3.94
N PHE B 81 -0.67 -1.63 -4.08
CA PHE B 81 -1.04 -0.55 -4.96
C PHE B 81 0.19 -0.02 -5.73
N MET B 82 -0.07 0.61 -6.87
CA MET B 82 0.90 1.38 -7.58
C MET B 82 0.19 2.65 -8.08
N SER B 83 0.91 3.73 -8.37
CA SER B 83 0.36 4.93 -9.05
C SER B 83 -0.40 4.66 -10.36
N MET B 84 -1.58 5.28 -10.50
CA MET B 84 -2.38 5.07 -11.71
C MET B 84 -1.68 5.61 -12.97
N HIS B 85 -0.99 6.74 -12.86
CA HIS B 85 -0.34 7.35 -14.03
C HIS B 85 0.80 6.51 -14.62
N LEU B 86 1.26 5.50 -13.89
CA LEU B 86 2.29 4.58 -14.41
C LEU B 86 1.75 3.53 -15.40
N LEU B 87 0.43 3.45 -15.49
CA LEU B 87 -0.22 2.48 -16.34
C LEU B 87 -0.43 3.06 -17.73
N SER C 1 -1.83 16.34 -12.05
CA SER C 1 -1.24 15.62 -10.87
C SER C 1 -1.17 16.49 -9.61
N SER C 2 -1.11 15.87 -8.42
CA SER C 2 -1.13 16.64 -7.19
C SER C 2 0.23 17.17 -6.68
N ALA C 3 1.33 16.68 -7.22
CA ALA C 3 2.65 17.17 -6.85
C ALA C 3 3.29 17.82 -8.05
N THR C 4 3.71 19.06 -7.87
CA THR C 4 4.35 19.85 -8.91
C THR C 4 5.87 19.68 -8.77
N PRO C 5 6.55 19.30 -9.86
CA PRO C 5 7.99 19.26 -9.90
C PRO C 5 8.57 20.63 -9.75
N ILE C 6 9.53 20.80 -8.85
CA ILE C 6 10.16 22.09 -8.62
C ILE C 6 11.69 21.93 -8.58
N VAL C 7 12.41 23.03 -8.83
CA VAL C 7 13.83 23.15 -8.49
C VAL C 7 13.96 24.38 -7.58
N GLN C 8 14.61 24.13 -6.45
CA GLN C 8 14.93 25.22 -5.49
C GLN C 8 16.37 25.69 -5.65
N PHE C 9 16.56 26.97 -5.95
CA PHE C 9 17.90 27.58 -6.14
C PHE C 9 18.29 28.41 -4.91
N GLN C 10 19.54 28.21 -4.48
CA GLN C 10 20.09 28.79 -3.24
C GLN C 10 21.38 29.55 -3.52
N GLY C 11 21.48 30.75 -2.99
CA GLY C 11 22.73 31.52 -3.13
C GLY C 11 22.52 32.94 -2.66
N GLU C 12 23.46 33.81 -2.99
CA GLU C 12 23.35 35.19 -2.65
C GLU C 12 22.19 35.91 -3.42
N SER C 13 21.45 36.75 -2.70
CA SER C 13 20.25 37.43 -3.19
C SER C 13 20.31 38.04 -4.61
N ASN C 14 21.28 38.90 -4.88
CA ASN C 14 21.41 39.55 -6.19
C ASN C 14 21.78 38.62 -7.32
N CYS C 15 22.60 37.61 -7.02
CA CYS C 15 22.93 36.54 -7.98
C CYS C 15 21.71 35.73 -8.38
N LEU C 16 20.78 35.52 -7.46
CA LEU C 16 19.49 34.84 -7.75
C LEU C 16 18.49 35.66 -8.62
N LYS C 17 18.41 36.96 -8.36
CA LYS C 17 17.58 37.90 -9.08
C LYS C 17 18.09 38.08 -10.51
N CYS C 18 19.41 38.14 -10.65
CA CYS C 18 20.09 38.08 -11.94
C CYS C 18 19.84 36.74 -12.70
N PHE C 19 20.00 35.61 -12.02
CA PHE C 19 19.62 34.33 -12.60
C PHE C 19 18.14 34.31 -13.08
N ARG C 20 17.22 34.74 -12.21
CA ARG C 20 15.80 34.93 -12.55
C ARG C 20 15.57 35.79 -13.78
N TYR C 21 16.24 36.94 -13.80
CA TYR C 21 16.28 37.79 -14.99
C TYR C 21 16.75 37.07 -16.26
N ARG C 22 17.80 36.26 -16.11
CA ARG C 22 18.34 35.56 -17.25
C ARG C 22 17.35 34.47 -17.75
N LEU C 23 16.80 33.70 -16.81
CA LEU C 23 15.73 32.74 -17.12
C LEU C 23 14.54 33.36 -17.87
N ASN C 24 14.02 34.46 -17.33
CA ASN C 24 12.91 35.16 -17.95
C ASN C 24 13.31 35.79 -19.27
N ASP C 25 14.60 36.03 -19.48
CA ASP C 25 15.06 36.61 -20.74
C ASP C 25 15.25 35.57 -21.81
N LYS C 26 15.89 34.45 -21.47
CA LYS C 26 16.28 33.47 -22.47
C LYS C 26 15.54 32.12 -22.48
N HIS C 27 15.01 31.72 -21.32
CA HIS C 27 14.59 30.37 -21.09
C HIS C 27 13.12 30.29 -20.60
N ARG C 28 12.25 31.26 -20.89
CA ARG C 28 10.86 31.18 -20.39
C ARG C 28 10.15 29.82 -20.69
N HIS C 29 10.38 29.25 -21.87
CA HIS C 29 9.75 28.01 -22.31
C HIS C 29 10.19 26.73 -21.52
N LEU C 30 11.20 26.86 -20.66
CA LEU C 30 11.78 25.77 -19.97
C LEU C 30 11.24 25.67 -18.57
N PHE C 31 10.36 26.58 -18.15
CA PHE C 31 9.76 26.46 -16.78
C PHE C 31 8.37 27.03 -16.81
N ASP C 32 7.66 26.89 -15.67
CA ASP C 32 6.33 27.44 -15.52
C ASP C 32 6.50 28.72 -14.70
N LEU C 33 6.48 28.57 -13.37
CA LEU C 33 6.51 29.73 -12.43
C LEU C 33 7.85 29.81 -11.77
N ILE C 34 8.15 31.00 -11.28
CA ILE C 34 9.43 31.41 -10.66
C ILE C 34 9.12 32.45 -9.58
N SER C 35 9.66 32.24 -8.39
CA SER C 35 9.32 33.07 -7.26
C SER C 35 10.29 34.22 -7.14
N SER C 36 9.92 35.25 -6.39
CA SER C 36 10.85 36.19 -5.83
C SER C 36 11.82 35.48 -4.87
N THR C 37 12.81 36.21 -4.39
CA THR C 37 13.82 35.67 -3.48
C THR C 37 13.25 35.64 -2.07
N TRP C 38 13.51 34.57 -1.35
CA TRP C 38 12.92 34.41 -0.04
C TRP C 38 13.96 33.70 0.81
N HIS C 39 13.72 33.61 2.11
CA HIS C 39 14.60 32.91 3.00
C HIS C 39 13.77 32.40 4.20
N TRP C 40 14.33 31.49 4.99
CA TRP C 40 13.78 31.16 6.29
C TRP C 40 14.20 32.22 7.29
N ALA C 41 13.23 32.89 7.87
CA ALA C 41 13.49 34.02 8.74
C ALA C 41 13.75 33.53 10.17
N SER C 42 15.03 33.61 10.59
CA SER C 42 15.57 32.90 11.76
C SER C 42 14.91 33.25 13.14
N PRO C 43 15.34 32.63 14.27
CA PRO C 43 16.53 31.81 14.56
C PRO C 43 16.43 30.27 14.41
N LYS C 44 15.42 29.75 13.71
CA LYS C 44 15.34 28.30 13.48
C LYS C 44 15.81 27.86 12.07
N ALA C 45 16.02 28.85 11.19
CA ALA C 45 16.46 28.62 9.80
C ALA C 45 17.54 27.55 9.65
N PRO C 46 17.38 26.64 8.66
CA PRO C 46 18.36 25.59 8.35
C PRO C 46 19.65 26.12 7.70
N HIS C 47 19.57 27.24 6.99
CA HIS C 47 20.73 27.91 6.42
C HIS C 47 20.49 29.42 6.27
N LYS C 48 21.43 30.09 5.59
CA LYS C 48 21.52 31.55 5.60
C LYS C 48 21.25 32.20 4.23
N HIS C 49 21.18 31.39 3.18
CA HIS C 49 21.06 31.90 1.82
C HIS C 49 19.68 32.45 1.46
N ALA C 50 19.65 33.30 0.42
CA ALA C 50 18.39 33.49 -0.33
C ALA C 50 18.02 32.29 -1.21
N ILE C 51 16.72 32.17 -1.50
CA ILE C 51 16.23 31.00 -2.19
C ILE C 51 15.35 31.51 -3.32
N VAL C 52 15.38 30.83 -4.50
CA VAL C 52 14.37 31.03 -5.53
C VAL C 52 13.77 29.66 -5.91
N THR C 53 12.44 29.56 -5.94
CA THR C 53 11.71 28.38 -6.38
C THR C 53 11.26 28.50 -7.82
N VAL C 54 11.59 27.52 -8.64
CA VAL C 54 11.10 27.42 -10.01
C VAL C 54 10.17 26.16 -10.14
N THR C 55 9.03 26.29 -10.83
CA THR C 55 8.07 25.19 -10.98
C THR C 55 8.02 24.75 -12.44
N TYR C 56 7.52 23.53 -12.65
CA TYR C 56 7.49 23.01 -14.03
C TYR C 56 6.15 22.41 -14.25
N HIS C 57 5.76 22.23 -15.53
CA HIS C 57 4.50 21.54 -15.90
C HIS C 57 4.63 20.06 -15.83
N SER C 58 5.87 19.60 -15.95
CA SER C 58 6.10 18.18 -16.12
C SER C 58 7.54 17.90 -15.77
N GLU C 59 7.79 16.65 -15.47
CA GLU C 59 9.10 16.15 -15.14
C GLU C 59 10.00 16.26 -16.39
N GLU C 60 9.38 16.04 -17.53
CA GLU C 60 10.03 16.27 -18.85
C GLU C 60 10.46 17.71 -19.05
N GLN C 61 9.58 18.70 -18.77
CA GLN C 61 9.98 20.10 -18.82
C GLN C 61 11.20 20.42 -17.92
N ARG C 62 11.16 19.85 -16.73
CA ARG C 62 12.21 20.01 -15.75
C ARG C 62 13.53 19.47 -16.24
N GLN C 63 13.51 18.25 -16.81
CA GLN C 63 14.69 17.63 -17.40
C GLN C 63 15.28 18.47 -18.54
N GLN C 64 14.46 19.00 -19.42
CA GLN C 64 15.00 19.79 -20.51
C GLN C 64 15.64 21.06 -19.95
N PHE C 65 15.02 21.68 -18.93
CA PHE C 65 15.63 22.85 -18.27
C PHE C 65 17.06 22.56 -17.81
N LEU C 66 17.25 21.39 -17.17
CA LEU C 66 18.49 20.95 -16.54
C LEU C 66 19.56 20.64 -17.61
N ASN C 67 19.08 20.07 -18.71
CA ASN C 67 19.83 19.82 -19.89
C ASN C 67 20.36 21.09 -20.58
N VAL C 68 19.54 22.15 -20.63
CA VAL C 68 19.87 23.37 -21.38
C VAL C 68 20.54 24.48 -20.55
N VAL C 69 19.99 24.72 -19.37
CA VAL C 69 20.36 25.90 -18.59
C VAL C 69 21.65 25.68 -17.82
N LYS C 70 22.59 26.62 -18.01
CA LYS C 70 23.80 26.67 -17.22
C LYS C 70 23.52 27.45 -15.95
N ILE C 71 23.73 26.78 -14.82
CA ILE C 71 23.50 27.36 -13.52
C ILE C 71 24.71 28.18 -13.03
N PRO C 72 24.53 29.50 -12.78
CA PRO C 72 25.69 30.38 -12.41
C PRO C 72 26.49 29.79 -11.27
N PRO C 73 27.82 30.09 -11.21
CA PRO C 73 28.71 29.41 -10.24
C PRO C 73 28.28 29.63 -8.77
N THR C 74 27.89 30.86 -8.48
CA THR C 74 27.35 31.28 -7.20
C THR C 74 26.17 30.42 -6.60
N ILE C 75 25.53 29.59 -7.42
CA ILE C 75 24.15 29.12 -7.12
C ILE C 75 24.11 27.60 -6.97
N ARG C 76 23.48 27.11 -5.90
CA ARG C 76 23.28 25.67 -5.71
C ARG C 76 21.78 25.33 -5.92
N HIS C 77 21.47 24.12 -6.34
CA HIS C 77 20.06 23.79 -6.66
C HIS C 77 19.69 22.45 -6.06
N LYS C 78 18.42 22.26 -5.80
CA LYS C 78 17.89 20.94 -5.40
C LYS C 78 16.59 20.68 -6.11
N LEU C 79 16.39 19.44 -6.55
CA LEU C 79 15.08 19.01 -7.03
C LEU C 79 14.13 18.53 -5.95
N GLY C 80 12.88 18.97 -6.08
CA GLY C 80 11.81 18.39 -5.27
C GLY C 80 10.40 18.55 -5.80
N PHE C 81 9.42 18.53 -4.88
CA PHE C 81 7.96 18.68 -5.14
C PHE C 81 7.38 19.63 -4.13
N MET C 82 6.30 20.31 -4.50
CA MET C 82 5.41 20.99 -3.57
C MET C 82 3.99 20.66 -4.08
N SER C 83 2.99 20.82 -3.23
CA SER C 83 1.59 20.54 -3.65
C SER C 83 1.13 21.45 -4.77
N MET C 84 0.56 20.88 -5.82
CA MET C 84 0.05 21.66 -6.93
C MET C 84 -0.93 22.73 -6.43
N HIS C 85 -1.76 22.36 -5.47
CA HIS C 85 -2.83 23.23 -4.90
C HIS C 85 -2.28 24.51 -4.20
N LEU C 86 -0.98 24.54 -3.87
CA LEU C 86 -0.25 25.72 -3.32
C LEU C 86 0.31 26.67 -4.39
N LEU C 87 0.00 26.40 -5.65
CA LEU C 87 0.35 27.30 -6.71
C LEU C 87 -0.89 28.20 -6.84
N SER D 1 6.80 11.31 6.37
CA SER D 1 6.90 10.67 5.02
C SER D 1 7.91 11.37 4.10
N SER D 2 7.80 11.11 2.79
CA SER D 2 8.58 11.81 1.74
C SER D 2 8.62 13.36 1.95
N ALA D 3 7.67 13.83 2.79
CA ALA D 3 7.13 15.20 2.75
C ALA D 3 6.78 15.90 4.09
N THR D 4 7.09 17.19 4.11
CA THR D 4 6.90 18.09 5.25
C THR D 4 5.55 18.79 5.15
N PRO D 5 4.74 18.69 6.22
CA PRO D 5 3.45 19.37 6.22
C PRO D 5 3.68 20.87 6.26
N ILE D 6 2.94 21.62 5.47
CA ILE D 6 3.08 23.07 5.50
C ILE D 6 1.73 23.77 5.45
N VAL D 7 1.75 25.04 5.79
CA VAL D 7 0.62 25.89 5.55
C VAL D 7 1.19 27.10 4.80
N GLN D 8 0.53 27.46 3.71
CA GLN D 8 0.86 28.67 3.00
C GLN D 8 -0.17 29.74 3.34
N PHE D 9 0.28 30.86 3.89
CA PHE D 9 -0.58 32.02 4.19
C PHE D 9 -0.37 33.03 3.07
N GLN D 10 -1.49 33.62 2.62
CA GLN D 10 -1.53 34.56 1.49
C GLN D 10 -2.24 35.84 1.89
N GLY D 11 -1.83 36.95 1.30
CA GLY D 11 -2.48 38.20 1.58
C GLY D 11 -1.53 39.33 1.35
N GLU D 12 -1.90 40.47 1.89
CA GLU D 12 -1.17 41.72 1.77
C GLU D 12 0.12 41.63 2.61
N SER D 13 1.25 42.09 2.05
CA SER D 13 2.53 41.73 2.68
C SER D 13 2.75 42.31 4.09
N ASN D 14 2.21 43.50 4.35
CA ASN D 14 2.25 44.09 5.69
C ASN D 14 1.46 43.28 6.73
N CYS D 15 0.19 43.01 6.44
CA CYS D 15 -0.58 42.02 7.25
C CYS D 15 0.19 40.69 7.51
N LEU D 16 0.77 40.15 6.45
CA LEU D 16 1.49 38.93 6.57
C LEU D 16 2.73 39.00 7.43
N LYS D 17 3.53 40.03 7.22
CA LYS D 17 4.76 40.26 7.99
C LYS D 17 4.40 40.51 9.45
N CYS D 18 3.28 41.20 9.68
CA CYS D 18 2.69 41.36 11.02
C CYS D 18 2.39 40.01 11.62
N PHE D 19 1.68 39.18 10.87
CA PHE D 19 1.37 37.85 11.30
C PHE D 19 2.66 37.03 11.57
N ARG D 20 3.66 37.08 10.69
CA ARG D 20 4.91 36.34 10.97
C ARG D 20 5.49 36.78 12.31
N TYR D 21 5.49 38.10 12.56
CA TYR D 21 5.99 38.71 13.80
C TYR D 21 5.19 38.28 15.04
N ARG D 22 3.89 38.06 14.87
CA ARG D 22 3.00 37.56 15.90
C ARG D 22 3.29 36.10 16.20
N LEU D 23 3.57 35.32 15.17
CA LEU D 23 3.88 33.89 15.31
C LEU D 23 5.20 33.63 16.08
N ASN D 24 6.27 34.29 15.65
CA ASN D 24 7.55 34.28 16.35
C ASN D 24 7.52 34.87 17.73
N ASP D 25 6.64 35.85 17.95
CA ASP D 25 6.52 36.45 19.24
C ASP D 25 5.78 35.57 20.24
N LYS D 26 4.75 34.86 19.77
CA LYS D 26 3.82 34.16 20.66
C LYS D 26 3.67 32.65 20.41
N HIS D 27 4.04 32.15 19.23
CA HIS D 27 3.63 30.78 18.85
C HIS D 27 4.70 29.83 18.38
N ARG D 28 5.96 30.11 18.72
CA ARG D 28 7.11 29.38 18.20
C ARG D 28 7.09 27.86 18.47
N HIS D 29 6.68 27.46 19.67
CA HIS D 29 6.45 26.04 20.02
C HIS D 29 5.39 25.35 19.13
N LEU D 30 4.57 26.13 18.42
CA LEU D 30 3.46 25.59 17.60
C LEU D 30 3.84 25.25 16.13
N PHE D 31 5.03 25.63 15.67
CA PHE D 31 5.44 25.33 14.29
C PHE D 31 6.95 25.15 14.18
N ASP D 32 7.47 24.72 13.03
CA ASP D 32 8.91 24.56 12.88
C ASP D 32 9.60 25.80 12.23
N LEU D 33 9.61 25.90 10.90
CA LEU D 33 10.21 27.03 10.20
C LEU D 33 9.16 27.99 9.67
N ILE D 34 9.57 29.22 9.39
CA ILE D 34 8.70 30.19 8.76
C ILE D 34 9.51 30.98 7.75
N SER D 35 8.96 31.26 6.57
CA SER D 35 9.75 32.00 5.55
C SER D 35 9.60 33.51 5.67
N SER D 36 10.45 34.29 4.96
CA SER D 36 10.15 35.68 4.65
C SER D 36 8.92 35.68 3.74
N THR D 37 8.38 36.86 3.47
CA THR D 37 7.25 36.95 2.60
C THR D 37 7.73 36.94 1.18
N TRP D 38 7.05 36.17 0.36
CA TRP D 38 7.51 36.05 -1.04
C TRP D 38 6.28 36.02 -1.93
N HIS D 39 6.51 35.90 -3.23
CA HIS D 39 5.44 35.89 -4.22
C HIS D 39 5.94 35.29 -5.53
N TRP D 40 4.99 35.03 -6.44
CA TRP D 40 5.33 34.54 -7.76
C TRP D 40 5.57 35.75 -8.61
N ALA D 41 6.78 35.82 -9.18
CA ALA D 41 7.32 37.00 -9.76
C ALA D 41 7.57 36.60 -11.17
N SER D 42 6.56 36.20 -11.94
CA SER D 42 6.13 36.90 -13.13
C SER D 42 4.74 37.37 -13.55
N PRO D 43 4.62 37.67 -14.86
CA PRO D 43 3.40 37.74 -15.64
C PRO D 43 2.48 36.55 -15.37
N LYS D 44 3.01 35.32 -15.43
CA LYS D 44 2.15 34.15 -15.19
C LYS D 44 1.77 34.22 -13.72
N ALA D 45 0.47 34.16 -13.45
CA ALA D 45 -0.06 34.64 -12.14
C ALA D 45 0.49 33.83 -10.96
N PRO D 46 -0.26 32.86 -10.40
CA PRO D 46 -1.71 32.54 -10.46
C PRO D 46 -2.56 33.47 -9.54
N HIS D 47 -1.88 34.31 -8.76
CA HIS D 47 -2.50 35.26 -7.85
C HIS D 47 -1.47 36.32 -7.44
N LYS D 48 -1.97 37.46 -7.01
CA LYS D 48 -1.24 38.67 -6.69
C LYS D 48 -0.84 38.82 -5.16
N HIS D 49 -1.02 37.77 -4.37
CA HIS D 49 -0.79 37.88 -2.93
C HIS D 49 0.69 37.69 -2.61
N ALA D 50 1.16 38.40 -1.56
CA ALA D 50 2.39 37.98 -0.92
C ALA D 50 2.08 36.67 -0.18
N ILE D 51 3.10 35.92 0.20
CA ILE D 51 2.94 34.60 0.70
C ILE D 51 3.97 34.41 1.78
N VAL D 52 3.64 33.61 2.79
CA VAL D 52 4.60 33.14 3.83
C VAL D 52 4.34 31.65 3.96
N THR D 53 5.41 30.88 3.92
CA THR D 53 5.36 29.44 4.19
C THR D 53 5.69 29.13 5.68
N VAL D 54 4.82 28.34 6.32
CA VAL D 54 5.11 27.76 7.64
C VAL D 54 5.17 26.22 7.52
N THR D 55 6.26 25.63 8.04
CA THR D 55 6.45 24.19 8.12
C THR D 55 6.22 23.66 9.52
N TYR D 56 5.83 22.40 9.59
CA TYR D 56 5.51 21.74 10.82
C TYR D 56 6.32 20.46 10.92
N HIS D 57 6.41 19.91 12.14
CA HIS D 57 7.08 18.65 12.43
C HIS D 57 6.22 17.41 12.09
N SER D 58 4.89 17.58 12.07
CA SER D 58 3.96 16.49 11.81
C SER D 58 2.60 17.09 11.43
N GLU D 59 1.71 16.25 10.89
CA GLU D 59 0.34 16.70 10.70
C GLU D 59 -0.28 17.02 12.03
N GLU D 60 0.09 16.32 13.10
CA GLU D 60 -0.47 16.71 14.41
C GLU D 60 -0.06 18.12 14.84
N GLN D 61 1.24 18.43 14.87
CA GLN D 61 1.65 19.80 15.19
C GLN D 61 0.85 20.87 14.44
N ARG D 62 0.62 20.63 13.15
CA ARG D 62 -0.08 21.57 12.26
C ARG D 62 -1.55 21.73 12.66
N GLN D 63 -2.19 20.61 12.95
CA GLN D 63 -3.56 20.61 13.42
C GLN D 63 -3.67 21.43 14.71
N GLN D 64 -2.88 21.08 15.73
CA GLN D 64 -2.69 21.87 16.98
C GLN D 64 -2.60 23.39 16.76
N PHE D 65 -1.65 23.79 15.89
CA PHE D 65 -1.46 25.17 15.47
C PHE D 65 -2.74 25.74 14.91
N LEU D 66 -3.34 25.06 13.94
CA LEU D 66 -4.57 25.56 13.32
C LEU D 66 -5.76 25.64 14.31
N ASN D 67 -5.77 24.76 15.31
CA ASN D 67 -6.75 24.84 16.41
C ASN D 67 -6.56 26.02 17.34
N VAL D 68 -5.33 26.50 17.45
CA VAL D 68 -4.96 27.43 18.51
C VAL D 68 -4.77 28.86 18.01
N VAL D 69 -4.27 29.00 16.78
CA VAL D 69 -3.83 30.29 16.25
C VAL D 69 -4.97 30.99 15.51
N LYS D 70 -5.23 32.23 15.90
CA LYS D 70 -6.20 33.09 15.24
C LYS D 70 -5.57 33.71 13.99
N ILE D 71 -6.11 33.36 12.83
CA ILE D 71 -5.65 33.90 11.56
C ILE D 71 -6.34 35.24 11.29
N PRO D 72 -5.56 36.33 11.09
CA PRO D 72 -6.12 37.64 10.84
C PRO D 72 -7.05 37.63 9.61
N PRO D 73 -8.03 38.56 9.54
CA PRO D 73 -9.16 38.44 8.56
C PRO D 73 -8.69 38.56 7.10
N THR D 74 -7.73 39.45 6.90
CA THR D 74 -7.09 39.73 5.62
C THR D 74 -6.24 38.56 5.02
N ILE D 75 -6.04 37.49 5.79
CA ILE D 75 -5.08 36.45 5.46
C ILE D 75 -5.80 35.15 5.15
N ARG D 76 -5.51 34.57 3.97
CA ARG D 76 -6.02 33.25 3.58
C ARG D 76 -4.94 32.17 3.79
N HIS D 77 -5.35 30.91 3.96
CA HIS D 77 -4.36 29.82 4.06
C HIS D 77 -4.75 28.58 3.24
N LYS D 78 -3.72 27.80 2.89
CA LYS D 78 -3.87 26.52 2.24
C LYS D 78 -2.89 25.51 2.85
N LEU D 79 -3.35 24.27 3.03
CA LEU D 79 -2.52 23.18 3.55
C LEU D 79 -1.88 22.52 2.37
N GLY D 80 -0.62 22.15 2.54
CA GLY D 80 0.08 21.33 1.58
C GLY D 80 1.26 20.59 2.15
N PHE D 81 2.15 20.17 1.25
CA PHE D 81 3.42 19.53 1.60
C PHE D 81 4.53 20.08 0.68
N MET D 82 5.77 19.96 1.11
CA MET D 82 6.90 20.14 0.19
C MET D 82 7.91 19.05 0.60
N SER D 83 8.76 18.62 -0.33
CA SER D 83 9.79 17.65 0.03
C SER D 83 10.63 18.12 1.24
N MET D 84 10.75 17.25 2.26
CA MET D 84 11.55 17.46 3.47
C MET D 84 12.99 17.90 3.20
N HIS D 85 13.62 17.34 2.17
CA HIS D 85 15.04 17.60 1.90
C HIS D 85 15.30 18.97 1.32
N LEU D 86 14.23 19.64 0.89
CA LEU D 86 14.27 21.02 0.42
C LEU D 86 14.59 22.03 1.53
N LEU D 87 14.30 21.68 2.78
CA LEU D 87 14.53 22.58 3.92
C LEU D 87 15.99 22.97 4.16
N SER E 1 -6.91 -14.66 -2.09
CA SER E 1 -7.82 -15.44 -1.20
C SER E 1 -7.96 -16.93 -1.59
N SER E 2 -6.93 -17.70 -1.23
CA SER E 2 -7.06 -19.16 -1.15
C SER E 2 -7.58 -19.46 0.27
N ALA E 3 -7.75 -18.40 1.03
CA ALA E 3 -8.17 -18.46 2.42
C ALA E 3 -9.43 -17.58 2.61
N THR E 4 -10.29 -17.99 3.55
CA THR E 4 -11.52 -17.29 3.98
C THR E 4 -11.23 -16.56 5.30
N PRO E 5 -11.46 -15.23 5.37
CA PRO E 5 -11.25 -14.56 6.68
C PRO E 5 -12.30 -14.99 7.70
N ILE E 6 -11.91 -15.20 8.95
CA ILE E 6 -12.88 -15.62 9.97
C ILE E 6 -12.66 -14.88 11.27
N VAL E 7 -13.72 -14.79 12.06
CA VAL E 7 -13.57 -14.43 13.47
C VAL E 7 -14.07 -15.59 14.29
N GLN E 8 -13.27 -16.01 15.28
CA GLN E 8 -13.73 -16.88 16.36
C GLN E 8 -14.16 -16.08 17.56
N PHE E 9 -15.38 -16.31 18.00
CA PHE E 9 -15.89 -15.72 19.22
C PHE E 9 -15.91 -16.80 20.29
N GLN E 10 -15.44 -16.45 21.49
CA GLN E 10 -15.34 -17.35 22.64
C GLN E 10 -16.05 -16.80 23.87
N GLY E 11 -16.75 -17.67 24.58
CA GLY E 11 -17.39 -17.27 25.82
C GLY E 11 -18.43 -18.30 26.22
N GLU E 12 -19.25 -17.94 27.22
CA GLU E 12 -20.28 -18.84 27.72
C GLU E 12 -21.28 -19.19 26.60
N SER E 13 -21.72 -20.43 26.52
CA SER E 13 -22.47 -20.84 25.30
C SER E 13 -23.79 -20.09 25.05
N ASN E 14 -24.54 -19.80 26.10
CA ASN E 14 -25.76 -18.95 25.98
C ASN E 14 -25.54 -17.53 25.55
N CYS E 15 -24.54 -16.88 26.11
CA CYS E 15 -24.06 -15.60 25.56
C CYS E 15 -23.72 -15.64 24.07
N LEU E 16 -23.15 -16.74 23.58
CA LEU E 16 -22.83 -16.86 22.16
C LEU E 16 -24.05 -17.09 21.27
N LYS E 17 -25.00 -17.91 21.73
CA LYS E 17 -26.28 -18.12 21.04
C LYS E 17 -27.12 -16.83 21.02
N CYS E 18 -27.15 -16.12 22.15
CA CYS E 18 -27.77 -14.78 22.23
C CYS E 18 -27.15 -13.86 21.19
N PHE E 19 -25.82 -13.82 21.17
CA PHE E 19 -25.07 -13.03 20.21
C PHE E 19 -25.34 -13.40 18.77
N ARG E 20 -25.35 -14.69 18.47
CA ARG E 20 -25.60 -15.20 17.11
C ARG E 20 -26.98 -14.75 16.59
N TYR E 21 -28.00 -14.76 17.44
CA TYR E 21 -29.33 -14.20 17.13
C TYR E 21 -29.32 -12.71 16.82
N ARG E 22 -28.72 -11.90 17.70
CA ARG E 22 -28.51 -10.45 17.42
C ARG E 22 -27.87 -10.24 16.03
N LEU E 23 -26.84 -11.04 15.74
CA LEU E 23 -26.18 -11.03 14.44
C LEU E 23 -27.15 -11.36 13.28
N ASN E 24 -27.85 -12.50 13.37
CA ASN E 24 -28.87 -12.87 12.37
C ASN E 24 -30.08 -11.95 12.29
N ASP E 25 -30.42 -11.27 13.37
CA ASP E 25 -31.49 -10.26 13.32
C ASP E 25 -31.02 -8.96 12.63
N LYS E 26 -29.89 -8.40 13.08
CA LYS E 26 -29.49 -7.02 12.70
C LYS E 26 -28.35 -6.89 11.70
N HIS E 27 -27.44 -7.87 11.68
CA HIS E 27 -26.19 -7.74 10.94
C HIS E 27 -25.92 -8.77 9.83
N ARG E 28 -26.93 -9.41 9.24
CA ARG E 28 -26.65 -10.54 8.32
C ARG E 28 -25.65 -10.10 7.25
N HIS E 29 -25.89 -8.93 6.69
CA HIS E 29 -25.12 -8.32 5.60
C HIS E 29 -23.63 -8.06 5.90
N LEU E 30 -23.25 -8.06 7.20
CA LEU E 30 -21.87 -7.79 7.64
C LEU E 30 -21.03 -9.06 7.83
N PHE E 31 -21.54 -10.20 7.37
CA PHE E 31 -20.82 -11.50 7.46
C PHE E 31 -21.46 -12.52 6.51
N ASP E 32 -20.79 -13.66 6.33
CA ASP E 32 -21.31 -14.73 5.47
C ASP E 32 -21.93 -15.85 6.34
N LEU E 33 -21.15 -16.83 6.79
CA LEU E 33 -21.67 -17.97 7.62
C LEU E 33 -21.40 -17.83 9.13
N ILE E 34 -22.23 -18.48 9.93
CA ILE E 34 -22.03 -18.53 11.38
C ILE E 34 -22.28 -19.99 11.88
N SER E 35 -21.40 -20.49 12.75
CA SER E 35 -21.55 -21.85 13.26
C SER E 35 -22.52 -21.98 14.43
N SER E 36 -22.94 -23.20 14.75
CA SER E 36 -23.35 -23.53 16.13
C SER E 36 -22.16 -23.34 17.14
N THR E 37 -22.47 -23.42 18.42
CA THR E 37 -21.46 -23.32 19.45
C THR E 37 -20.78 -24.66 19.56
N TRP E 38 -19.45 -24.63 19.70
CA TRP E 38 -18.64 -25.81 19.74
C TRP E 38 -17.45 -25.56 20.71
N HIS E 39 -16.68 -26.59 21.00
CA HIS E 39 -15.53 -26.42 21.84
C HIS E 39 -14.50 -27.48 21.44
N TRP E 40 -13.30 -27.35 21.96
CA TRP E 40 -12.31 -28.40 21.83
C TRP E 40 -12.64 -29.52 22.83
N ALA E 41 -12.99 -30.68 22.29
CA ALA E 41 -13.47 -31.81 23.08
C ALA E 41 -12.25 -32.60 23.42
N SER E 42 -11.23 -31.91 23.94
CA SER E 42 -10.03 -32.58 24.38
C SER E 42 -10.09 -32.51 25.95
N PRO E 43 -9.05 -32.94 26.72
CA PRO E 43 -7.59 -32.78 26.86
C PRO E 43 -6.84 -31.82 25.91
N LYS E 44 -5.57 -32.14 25.62
CA LYS E 44 -4.73 -31.30 24.72
C LYS E 44 -4.77 -29.74 24.96
N ALA E 45 -4.45 -28.95 23.93
CA ALA E 45 -4.08 -27.54 24.15
C ALA E 45 -5.01 -26.65 25.03
N PRO E 46 -6.01 -25.94 24.43
CA PRO E 46 -6.66 -24.84 25.14
C PRO E 46 -8.02 -25.38 25.61
N HIS E 47 -9.02 -24.52 25.85
CA HIS E 47 -8.90 -23.35 26.71
C HIS E 47 -9.85 -23.75 27.82
N LYS E 48 -11.15 -23.79 27.48
CA LYS E 48 -12.28 -23.97 28.42
C LYS E 48 -13.64 -23.45 27.91
N HIS E 49 -13.67 -22.43 27.04
CA HIS E 49 -14.91 -21.78 26.55
CA HIS E 49 -14.99 -21.95 26.65
C HIS E 49 -15.51 -22.37 25.29
N ALA E 50 -16.79 -22.07 25.06
CA ALA E 50 -17.47 -22.42 23.85
C ALA E 50 -17.10 -21.39 22.81
N ILE E 51 -17.33 -21.71 21.53
CA ILE E 51 -16.83 -20.97 20.35
C ILE E 51 -17.90 -20.92 19.30
N VAL E 52 -17.98 -19.80 18.62
CA VAL E 52 -18.75 -19.63 17.41
C VAL E 52 -17.80 -19.07 16.31
N THR E 53 -17.80 -19.72 15.16
CA THR E 53 -16.97 -19.29 14.04
C THR E 53 -17.89 -18.48 13.15
N VAL E 54 -17.45 -17.28 12.80
CA VAL E 54 -18.10 -16.42 11.78
C VAL E 54 -17.14 -16.32 10.59
N THR E 55 -17.63 -16.50 9.37
CA THR E 55 -16.83 -16.29 8.16
C THR E 55 -17.31 -15.05 7.40
N TYR E 56 -16.45 -14.54 6.54
CA TYR E 56 -16.62 -13.26 5.80
C TYR E 56 -16.30 -13.50 4.34
N HIS E 57 -16.92 -12.67 3.47
CA HIS E 57 -16.73 -12.69 2.03
C HIS E 57 -15.41 -12.00 1.63
N SER E 58 -14.76 -11.31 2.57
CA SER E 58 -13.51 -10.56 2.31
C SER E 58 -12.99 -9.92 3.60
N GLU E 59 -11.67 -9.65 3.62
CA GLU E 59 -11.06 -8.97 4.75
C GLU E 59 -11.68 -7.58 5.00
N GLU E 60 -12.09 -6.90 3.92
CA GLU E 60 -12.82 -5.59 4.02
C GLU E 60 -14.22 -5.70 4.71
N GLN E 61 -14.99 -6.75 4.40
CA GLN E 61 -16.27 -6.95 5.10
C GLN E 61 -16.08 -7.21 6.61
N ARG E 62 -15.05 -8.02 6.92
CA ARG E 62 -14.69 -8.42 8.29
C ARG E 62 -14.42 -7.20 9.15
N GLN E 63 -13.60 -6.29 8.63
CA GLN E 63 -13.27 -5.02 9.29
C GLN E 63 -14.50 -4.12 9.55
N GLN E 64 -15.42 -4.07 8.60
CA GLN E 64 -16.68 -3.34 8.74
C GLN E 64 -17.59 -3.91 9.83
N PHE E 65 -17.71 -5.25 9.87
CA PHE E 65 -18.33 -5.97 10.99
C PHE E 65 -17.69 -5.51 12.31
N LEU E 66 -16.37 -5.68 12.41
CA LEU E 66 -15.64 -5.25 13.59
C LEU E 66 -15.80 -3.74 13.92
N ASN E 67 -16.13 -2.93 12.92
CA ASN E 67 -16.39 -1.49 13.15
C ASN E 67 -17.73 -1.12 13.73
N VAL E 68 -18.76 -1.91 13.38
CA VAL E 68 -20.18 -1.56 13.61
C VAL E 68 -20.72 -2.31 14.82
N VAL E 69 -20.31 -3.57 14.97
CA VAL E 69 -20.91 -4.49 15.92
C VAL E 69 -20.25 -4.41 17.32
N LYS E 70 -21.05 -4.03 18.31
CA LYS E 70 -20.70 -4.17 19.73
C LYS E 70 -20.69 -5.63 20.17
N ILE E 71 -19.56 -6.03 20.72
CA ILE E 71 -19.33 -7.39 21.18
C ILE E 71 -19.66 -7.36 22.69
N PRO E 72 -20.60 -8.24 23.16
CA PRO E 72 -20.95 -8.23 24.60
C PRO E 72 -19.73 -8.50 25.49
N PRO E 73 -19.73 -7.97 26.73
CA PRO E 73 -18.49 -8.05 27.51
C PRO E 73 -18.23 -9.49 28.01
N THR E 74 -19.22 -10.35 27.81
CA THR E 74 -19.12 -11.76 28.10
C THR E 74 -18.40 -12.58 27.02
N ILE E 75 -18.01 -11.95 25.91
CA ILE E 75 -17.45 -12.63 24.73
C ILE E 75 -16.06 -12.05 24.35
N ARG E 76 -15.10 -12.90 24.00
CA ARG E 76 -13.79 -12.49 23.42
C ARG E 76 -13.74 -12.90 21.96
N HIS E 77 -12.85 -12.27 21.21
CA HIS E 77 -12.77 -12.61 19.79
C HIS E 77 -11.32 -12.64 19.34
N LYS E 78 -11.06 -13.43 18.31
CA LYS E 78 -9.75 -13.51 17.65
C LYS E 78 -10.00 -13.63 16.17
N LEU E 79 -9.12 -13.07 15.34
CA LEU E 79 -9.21 -13.14 13.86
C LEU E 79 -8.28 -14.22 13.29
N GLY E 80 -8.72 -14.97 12.27
CA GLY E 80 -7.82 -15.81 11.47
C GLY E 80 -8.33 -16.13 10.08
N PHE E 81 -7.97 -17.31 9.58
CA PHE E 81 -8.36 -17.78 8.23
C PHE E 81 -8.66 -19.28 8.31
N MET E 82 -9.46 -19.80 7.39
CA MET E 82 -9.57 -21.26 7.19
C MET E 82 -9.72 -21.56 5.70
N SER E 83 -9.38 -22.77 5.25
CA SER E 83 -9.48 -23.06 3.79
C SER E 83 -10.89 -22.82 3.24
N MET E 84 -10.98 -22.20 2.05
CA MET E 84 -12.25 -21.88 1.37
C MET E 84 -13.07 -23.13 1.04
N HIS E 85 -12.40 -24.19 0.59
CA HIS E 85 -13.07 -25.46 0.25
C HIS E 85 -13.58 -26.30 1.42
N LEU E 86 -13.34 -25.84 2.64
CA LEU E 86 -13.98 -26.45 3.80
C LEU E 86 -15.39 -25.91 4.01
N LEU E 87 -15.79 -24.88 3.25
CA LEU E 87 -17.15 -24.39 3.41
C LEU E 87 -18.13 -25.25 2.61
N SER F 2 2.18 -20.07 9.72
CA SER F 2 1.27 -20.15 10.94
C SER F 2 -0.12 -20.72 10.57
N ALA F 3 -0.10 -21.70 9.67
CA ALA F 3 -1.25 -22.50 9.29
C ALA F 3 -1.13 -23.86 10.00
N THR F 4 -2.26 -24.31 10.51
CA THR F 4 -2.42 -25.62 11.14
C THR F 4 -3.20 -26.50 10.15
N PRO F 5 -2.66 -27.70 9.85
CA PRO F 5 -3.37 -28.65 9.04
C PRO F 5 -4.48 -29.29 9.80
N ILE F 6 -5.61 -29.46 9.11
CA ILE F 6 -6.77 -30.02 9.74
C ILE F 6 -7.41 -31.04 8.79
N VAL F 7 -8.26 -31.88 9.36
CA VAL F 7 -9.20 -32.67 8.57
C VAL F 7 -10.55 -32.28 9.12
N GLN F 8 -11.47 -31.97 8.23
CA GLN F 8 -12.91 -31.92 8.55
C GLN F 8 -13.64 -33.18 8.21
N PHE F 9 -14.31 -33.75 9.20
CA PHE F 9 -15.15 -34.94 9.02
C PHE F 9 -16.61 -34.49 9.01
N GLN F 10 -17.42 -35.08 8.13
CA GLN F 10 -18.83 -34.74 7.99
C GLN F 10 -19.70 -35.97 7.85
N GLY F 11 -20.88 -35.93 8.47
CA GLY F 11 -21.85 -37.01 8.42
C GLY F 11 -22.90 -36.74 9.47
N GLU F 12 -23.74 -37.75 9.67
CA GLU F 12 -24.83 -37.76 10.65
C GLU F 12 -24.15 -37.63 12.02
N SER F 13 -24.71 -36.83 12.92
CA SER F 13 -24.05 -36.43 14.19
C SER F 13 -23.68 -37.52 15.18
N ASN F 14 -24.58 -38.48 15.35
CA ASN F 14 -24.30 -39.70 16.10
C ASN F 14 -23.17 -40.54 15.54
N CYS F 15 -23.07 -40.62 14.21
CA CYS F 15 -21.93 -41.24 13.55
C CYS F 15 -20.62 -40.55 13.91
N LEU F 16 -20.62 -39.21 13.89
CA LEU F 16 -19.43 -38.43 14.16
C LEU F 16 -19.05 -38.52 15.62
N LYS F 17 -20.04 -38.53 16.48
CA LYS F 17 -19.86 -38.70 17.91
C LYS F 17 -19.26 -40.08 18.26
N CYS F 18 -19.75 -41.14 17.61
CA CYS F 18 -19.15 -42.46 17.66
C CYS F 18 -17.72 -42.45 17.09
N PHE F 19 -17.50 -41.83 15.94
CA PHE F 19 -16.14 -41.70 15.41
C PHE F 19 -15.23 -40.97 16.40
N ARG F 20 -15.70 -39.85 16.99
CA ARG F 20 -14.90 -39.10 17.95
C ARG F 20 -14.51 -39.93 19.17
N TYR F 21 -15.43 -40.74 19.70
CA TYR F 21 -15.09 -41.66 20.81
C TYR F 21 -14.01 -42.71 20.45
N ARG F 22 -14.05 -43.19 19.23
CA ARG F 22 -13.13 -44.21 18.78
C ARG F 22 -11.73 -43.56 18.61
N LEU F 23 -11.70 -42.36 18.03
CA LEU F 23 -10.47 -41.54 17.98
C LEU F 23 -9.80 -41.37 19.33
N ASN F 24 -10.58 -40.96 20.34
CA ASN F 24 -10.08 -40.70 21.67
C ASN F 24 -9.68 -42.01 22.38
N ASP F 25 -10.38 -43.08 22.02
CA ASP F 25 -10.15 -44.39 22.56
C ASP F 25 -8.97 -45.12 21.92
N LYS F 26 -8.79 -45.01 20.61
CA LYS F 26 -7.78 -45.86 20.04
C LYS F 26 -6.62 -45.05 19.42
N HIS F 27 -6.88 -43.81 18.95
CA HIS F 27 -6.01 -43.16 18.00
C HIS F 27 -5.54 -41.81 18.54
N ARG F 28 -5.71 -41.62 19.84
CA ARG F 28 -5.51 -40.30 20.42
C ARG F 28 -4.09 -39.78 20.18
N HIS F 29 -3.12 -40.69 20.21
CA HIS F 29 -1.70 -40.40 19.93
C HIS F 29 -1.47 -39.97 18.47
N LEU F 30 -2.50 -40.01 17.61
CA LEU F 30 -2.33 -39.74 16.18
C LEU F 30 -2.72 -38.33 15.65
N PHE F 31 -3.21 -37.45 16.54
CA PHE F 31 -3.65 -36.10 16.16
C PHE F 31 -3.51 -35.13 17.35
N ASP F 32 -3.74 -33.85 17.12
CA ASP F 32 -3.67 -32.89 18.20
C ASP F 32 -5.06 -32.63 18.89
N LEU F 33 -5.86 -31.72 18.32
CA LEU F 33 -7.15 -31.35 18.91
C LEU F 33 -8.29 -31.91 18.10
N ILE F 34 -9.45 -32.12 18.74
CA ILE F 34 -10.61 -32.61 18.06
C ILE F 34 -11.75 -31.75 18.65
N SER F 35 -12.64 -31.23 17.80
CA SER F 35 -13.70 -30.35 18.27
C SER F 35 -14.91 -31.21 18.71
N SER F 36 -15.87 -30.62 19.42
CA SER F 36 -17.22 -31.21 19.48
C SER F 36 -17.79 -31.18 18.06
N THR F 37 -18.97 -31.75 17.87
CA THR F 37 -19.63 -31.78 16.59
C THR F 37 -20.38 -30.48 16.41
N TRP F 38 -20.22 -29.83 15.27
CA TRP F 38 -20.84 -28.55 15.06
C TRP F 38 -21.44 -28.54 13.67
N HIS F 39 -22.16 -27.47 13.31
CA HIS F 39 -22.67 -27.28 11.97
C HIS F 39 -22.73 -25.77 11.63
N TRP F 40 -22.91 -25.44 10.37
CA TRP F 40 -23.18 -24.08 10.03
C TRP F 40 -24.66 -23.76 10.32
N ALA F 41 -24.93 -22.83 11.25
CA ALA F 41 -26.30 -22.57 11.73
C ALA F 41 -27.15 -21.58 10.89
N SER F 42 -28.43 -21.92 10.71
CA SER F 42 -29.44 -21.06 10.05
C SER F 42 -29.13 -20.62 8.60
N PRO F 43 -29.67 -19.44 8.16
CA PRO F 43 -29.95 -19.16 6.74
C PRO F 43 -28.93 -19.65 5.70
N LYS F 44 -27.68 -19.20 5.79
CA LYS F 44 -26.75 -19.36 4.67
C LYS F 44 -25.97 -20.69 4.54
N ALA F 45 -26.01 -21.53 5.57
CA ALA F 45 -25.23 -22.79 5.61
C ALA F 45 -25.13 -23.62 4.29
N PRO F 46 -23.90 -24.08 3.92
CA PRO F 46 -23.66 -24.93 2.73
C PRO F 46 -24.42 -26.26 2.80
N HIS F 47 -23.70 -27.32 3.13
CA HIS F 47 -24.27 -28.63 3.40
C HIS F 47 -25.09 -28.57 4.70
N LYS F 48 -25.36 -29.73 5.30
CA LYS F 48 -26.12 -29.77 6.56
C LYS F 48 -25.81 -30.95 7.50
N HIS F 49 -24.59 -31.51 7.54
CA HIS F 49 -24.52 -32.81 8.24
C HIS F 49 -24.80 -33.11 9.76
N ALA F 50 -23.84 -33.18 10.71
CA ALA F 50 -22.81 -32.26 11.16
C ALA F 50 -21.31 -32.35 10.82
N ILE F 51 -20.49 -31.71 11.69
CA ILE F 51 -19.02 -31.56 11.45
C ILE F 51 -18.15 -31.82 12.69
N VAL F 52 -17.05 -32.54 12.52
CA VAL F 52 -16.00 -32.58 13.50
C VAL F 52 -14.65 -32.12 12.88
N THR F 53 -13.93 -31.21 13.55
CA THR F 53 -12.63 -30.69 13.11
C THR F 53 -11.52 -31.40 13.91
N VAL F 54 -10.53 -31.94 13.22
CA VAL F 54 -9.40 -32.62 13.87
C VAL F 54 -8.16 -31.88 13.37
N THR F 55 -7.27 -31.49 14.29
CA THR F 55 -6.07 -30.69 13.98
C THR F 55 -4.82 -31.56 14.21
N TYR F 56 -3.75 -31.15 13.53
CA TYR F 56 -2.48 -31.87 13.53
C TYR F 56 -1.31 -30.88 13.81
N HIS F 57 -0.15 -31.36 14.30
CA HIS F 57 1.05 -30.54 14.46
C HIS F 57 1.78 -30.37 13.16
N SER F 58 1.47 -31.22 12.19
CA SER F 58 2.12 -31.11 10.88
C SER F 58 1.39 -31.94 9.85
N GLU F 59 1.77 -31.71 8.59
CA GLU F 59 1.30 -32.45 7.43
C GLU F 59 1.69 -33.92 7.40
N GLU F 60 2.90 -34.21 7.86
CA GLU F 60 3.32 -35.60 8.09
C GLU F 60 2.47 -36.31 9.16
N GLN F 61 2.13 -35.62 10.25
CA GLN F 61 1.28 -36.25 11.24
C GLN F 61 -0.14 -36.52 10.68
N ARG F 62 -0.69 -35.58 9.91
CA ARG F 62 -1.98 -35.80 9.31
C ARG F 62 -1.99 -37.01 8.31
N GLN F 63 -1.02 -37.04 7.38
CA GLN F 63 -0.83 -38.16 6.46
C GLN F 63 -0.75 -39.51 7.17
N GLN F 64 0.03 -39.57 8.24
CA GLN F 64 0.11 -40.80 9.00
C GLN F 64 -1.20 -41.22 9.60
N PHE F 65 -2.03 -40.27 10.02
CA PHE F 65 -3.34 -40.54 10.60
C PHE F 65 -4.24 -41.21 9.50
N LEU F 66 -4.23 -40.61 8.32
CA LEU F 66 -4.99 -41.03 7.13
C LEU F 66 -4.52 -42.37 6.62
N ASN F 67 -3.22 -42.64 6.78
CA ASN F 67 -2.68 -43.97 6.49
C ASN F 67 -3.19 -45.05 7.44
N VAL F 68 -3.47 -44.71 8.70
CA VAL F 68 -3.72 -45.72 9.72
C VAL F 68 -5.22 -45.88 10.15
N VAL F 69 -6.01 -44.78 10.09
CA VAL F 69 -7.37 -44.75 10.66
C VAL F 69 -8.36 -45.07 9.56
N LYS F 70 -9.20 -46.09 9.80
CA LYS F 70 -10.31 -46.33 8.88
C LYS F 70 -11.41 -45.32 9.16
N ILE F 71 -11.75 -44.54 8.14
CA ILE F 71 -12.89 -43.64 8.19
C ILE F 71 -14.20 -44.42 7.91
N PRO F 72 -15.16 -44.48 8.88
CA PRO F 72 -16.46 -45.17 8.71
C PRO F 72 -17.19 -44.73 7.44
N PRO F 73 -17.98 -45.65 6.79
CA PRO F 73 -18.61 -45.29 5.52
C PRO F 73 -19.70 -44.24 5.69
N THR F 74 -20.11 -44.03 6.92
CA THR F 74 -21.13 -43.01 7.20
C THR F 74 -20.53 -41.58 7.27
N ILE F 75 -19.24 -41.47 6.98
CA ILE F 75 -18.49 -40.24 7.26
C ILE F 75 -17.61 -39.94 6.06
N ARG F 76 -17.57 -38.69 5.66
CA ARG F 76 -16.69 -38.21 4.62
C ARG F 76 -15.70 -37.22 5.24
N HIS F 77 -14.62 -36.92 4.55
CA HIS F 77 -13.64 -35.98 5.12
C HIS F 77 -13.06 -35.08 4.04
N LYS F 78 -12.59 -33.90 4.42
CA LYS F 78 -11.79 -33.05 3.55
C LYS F 78 -10.58 -32.52 4.33
N LEU F 79 -9.47 -32.33 3.61
CA LEU F 79 -8.26 -31.72 4.16
C LEU F 79 -8.23 -30.20 4.01
N GLY F 80 -7.72 -29.49 5.01
CA GLY F 80 -7.48 -28.04 4.89
C GLY F 80 -6.52 -27.54 5.96
N PHE F 81 -6.68 -26.28 6.35
CA PHE F 81 -5.78 -25.56 7.25
C PHE F 81 -6.61 -24.51 7.97
N MET F 82 -6.18 -24.07 9.15
CA MET F 82 -6.76 -22.90 9.83
C MET F 82 -5.62 -22.21 10.56
N SER F 83 -5.83 -20.96 10.98
CA SER F 83 -4.80 -20.24 11.74
C SER F 83 -4.42 -20.98 13.03
N MET F 84 -3.11 -21.07 13.29
CA MET F 84 -2.56 -21.58 14.55
C MET F 84 -3.00 -20.73 15.78
N HIS F 85 -3.05 -19.40 15.58
CA HIS F 85 -3.57 -18.38 16.52
C HIS F 85 -4.98 -18.67 17.09
N LEU F 86 -5.82 -19.33 16.30
CA LEU F 86 -7.20 -19.66 16.68
C LEU F 86 -7.31 -20.94 17.53
N LEU F 87 -6.16 -21.50 17.90
CA LEU F 87 -6.13 -22.69 18.74
C LEU F 87 -5.72 -22.26 20.15
#